data_8HFN
#
_entry.id   8HFN
#
_cell.length_a   166.021
_cell.length_b   166.021
_cell.length_c   51.359
_cell.angle_alpha   90.00
_cell.angle_beta   90.00
_cell.angle_gamma   120.00
#
_symmetry.space_group_name_H-M   'P 61'
#
loop_
_entity.id
_entity.type
_entity.pdbx_description
1 polymer 'L-cysteine:1D-myo-inositol 2-amino-2-deoxy-alpha-D-glucopyranoside ligase'
2 non-polymer 'CALCIUM ION'
3 non-polymer N-[(3M)-3-(6-methoxypyridin-3-yl)benzene-1-sulfonyl]-L-cysteinamide
4 non-polymer 'ZINC ION'
5 water water
#
_entity_poly.entity_id   1
_entity_poly.type   'polypeptide(L)'
_entity_poly.pdbx_seq_one_letter_code
;GMQSWSAPAIPVVPGRGPALRLFDSADRQVRPVTPGPTATMYVCGITPYDATHLGHAATYLTFDLVHRLWLDAGHTVQYV
QNVTDVDDPLFERAERDGIDWRTLGDRETQLFREDMAALRVLPPHDYVAATDAIAEVVEMVEKLLASGAAYIVEDAEYPD
VYFRADATAQFGYESGYDRDTMLTLFAERGGDPDRPGKSDQLDALLWRAERPGEPSWPSPFGRGRPGWHVECSAIALTRI
GTGLDIQGGGSDLIFPHHEYSAAHAESVTGERRFARHYVHTGMIGWDGHKMSKSRGNLVLVSQLRAQGVDPSAIRLGLFS
GHYREDRFWSNEVLDEANARLARWRSATALPEAPDATDVIARVRQYLADDLDTPKALAALDGWCTDALSYGGHDTESPRL
VATTVDALLGVDL
;
_entity_poly.pdbx_strand_id   A
#
# COMPACT_ATOMS: atom_id res chain seq x y z
N GLY A 1 0.68 -17.71 -2.92
CA GLY A 1 1.51 -17.69 -1.74
C GLY A 1 0.73 -18.04 -0.48
N MET A 2 0.84 -17.20 0.55
CA MET A 2 0.04 -17.37 1.75
C MET A 2 -1.45 -17.22 1.42
N GLN A 3 -2.27 -17.76 2.31
CA GLN A 3 -3.70 -17.48 2.26
C GLN A 3 -3.93 -15.99 2.54
N SER A 4 -4.70 -15.32 1.68
CA SER A 4 -5.02 -13.91 1.93
C SER A 4 -6.41 -13.80 2.57
N TRP A 5 -7.39 -13.30 1.82
CA TRP A 5 -8.76 -13.22 2.33
C TRP A 5 -9.73 -13.23 1.15
N SER A 6 -11.02 -13.36 1.48
CA SER A 6 -12.05 -13.49 0.46
C SER A 6 -12.45 -12.13 -0.08
N ALA A 7 -12.71 -12.08 -1.39
CA ALA A 7 -13.22 -10.88 -2.02
C ALA A 7 -14.74 -10.78 -1.82
N PRO A 8 -15.27 -9.57 -1.75
CA PRO A 8 -16.72 -9.40 -1.86
C PRO A 8 -17.14 -9.58 -3.31
N ALA A 9 -18.44 -9.72 -3.51
CA ALA A 9 -18.99 -9.63 -4.85
C ALA A 9 -18.68 -8.26 -5.43
N ILE A 10 -18.30 -8.23 -6.71
CA ILE A 10 -18.04 -6.96 -7.39
C ILE A 10 -19.07 -6.77 -8.49
N PRO A 11 -20.03 -5.87 -8.34
CA PRO A 11 -20.99 -5.63 -9.43
C PRO A 11 -20.32 -4.92 -10.60
N VAL A 12 -20.89 -5.14 -11.78
CA VAL A 12 -20.43 -4.49 -13.01
C VAL A 12 -21.32 -3.31 -13.29
N VAL A 13 -20.73 -2.13 -13.41
CA VAL A 13 -21.45 -0.89 -13.70
C VAL A 13 -21.37 -0.67 -15.21
N PRO A 14 -22.51 -0.57 -15.91
CA PRO A 14 -22.46 -0.34 -17.35
C PRO A 14 -21.79 0.99 -17.69
N GLY A 15 -21.13 1.02 -18.84
CA GLY A 15 -20.46 2.22 -19.31
C GLY A 15 -19.03 2.30 -18.82
N ARG A 16 -18.35 3.35 -19.25
CA ARG A 16 -16.98 3.60 -18.86
C ARG A 16 -16.76 5.09 -18.68
N GLY A 17 -15.78 5.44 -17.86
CA GLY A 17 -15.35 6.81 -17.71
C GLY A 17 -13.93 6.97 -18.19
N PRO A 18 -13.27 8.07 -17.82
CA PRO A 18 -11.90 8.30 -18.29
C PRO A 18 -10.91 7.33 -17.66
N ALA A 19 -9.80 7.12 -18.37
CA ALA A 19 -8.71 6.32 -17.84
C ALA A 19 -8.10 7.02 -16.62
N LEU A 20 -7.60 6.22 -15.70
CA LEU A 20 -7.04 6.75 -14.46
C LEU A 20 -5.78 7.56 -14.71
N ARG A 21 -5.74 8.76 -14.13
CA ARG A 21 -4.54 9.58 -14.05
CA ARG A 21 -4.55 9.59 -14.04
C ARG A 21 -4.12 9.64 -12.59
N LEU A 22 -2.85 9.35 -12.33
CA LEU A 22 -2.36 9.29 -10.96
C LEU A 22 -1.11 10.14 -10.79
N PHE A 23 -1.02 10.81 -9.66
CA PHE A 23 0.23 11.43 -9.27
C PHE A 23 1.31 10.38 -9.13
N ASP A 24 2.51 10.69 -9.64
CA ASP A 24 3.67 9.81 -9.54
C ASP A 24 4.65 10.49 -8.59
N SER A 25 4.97 9.81 -7.48
CA SER A 25 5.94 10.38 -6.55
C SER A 25 7.27 10.65 -7.23
N ALA A 26 7.69 9.77 -8.15
CA ALA A 26 9.00 9.91 -8.79
C ALA A 26 9.07 11.19 -9.61
N ASP A 27 8.16 11.35 -10.58
CA ASP A 27 8.16 12.56 -11.40
C ASP A 27 7.46 13.75 -10.75
N ARG A 28 6.90 13.57 -9.56
CA ARG A 28 6.23 14.65 -8.81
C ARG A 28 5.18 15.37 -9.66
N GLN A 29 4.42 14.59 -10.42
CA GLN A 29 3.36 15.18 -11.23
C GLN A 29 2.34 14.08 -11.53
N VAL A 30 1.12 14.52 -11.85
CA VAL A 30 0.08 13.60 -12.29
C VAL A 30 0.40 13.14 -13.71
N ARG A 31 0.35 11.83 -13.92
CA ARG A 31 0.59 11.24 -15.23
C ARG A 31 -0.44 10.16 -15.49
N PRO A 32 -0.81 9.93 -16.75
CA PRO A 32 -1.77 8.87 -17.05
C PRO A 32 -1.23 7.51 -16.64
N VAL A 33 -2.14 6.67 -16.14
CA VAL A 33 -1.82 5.27 -15.86
C VAL A 33 -2.29 4.47 -17.06
N THR A 34 -1.34 3.85 -17.76
CA THR A 34 -1.63 3.19 -19.03
C THR A 34 -1.17 1.75 -18.97
N PRO A 35 -1.99 0.85 -18.43
CA PRO A 35 -1.60 -0.55 -18.32
C PRO A 35 -1.90 -1.31 -19.61
N GLY A 36 -1.27 -2.48 -19.73
CA GLY A 36 -1.67 -3.44 -20.73
C GLY A 36 -3.02 -4.02 -20.37
N PRO A 37 -3.46 -5.04 -21.11
CA PRO A 37 -4.72 -5.71 -20.74
C PRO A 37 -4.74 -6.20 -19.31
N THR A 38 -3.61 -6.62 -18.76
CA THR A 38 -3.46 -6.93 -17.34
C THR A 38 -2.68 -5.80 -16.67
N ALA A 39 -3.36 -5.06 -15.79
CA ALA A 39 -2.70 -4.04 -14.99
C ALA A 39 -2.00 -4.67 -13.80
N THR A 40 -0.81 -4.17 -13.46
CA THR A 40 0.02 -4.79 -12.44
C THR A 40 0.29 -3.80 -11.31
N MET A 41 0.22 -4.32 -10.08
CA MET A 41 0.33 -3.53 -8.87
C MET A 41 1.03 -4.33 -7.77
N TYR A 42 2.07 -3.74 -7.21
CA TYR A 42 2.74 -4.25 -6.02
C TYR A 42 2.60 -3.19 -4.94
N VAL A 43 1.98 -3.55 -3.82
CA VAL A 43 1.83 -2.65 -2.68
C VAL A 43 2.55 -3.27 -1.50
N CYS A 44 3.44 -2.51 -0.88
CA CYS A 44 4.16 -3.02 0.28
C CYS A 44 3.17 -3.32 1.40
N GLY A 45 3.23 -4.56 1.90
CA GLY A 45 2.31 -5.02 2.92
C GLY A 45 2.74 -4.61 4.32
N ILE A 46 2.07 -5.19 5.30
CA ILE A 46 2.31 -4.81 6.68
C ILE A 46 3.53 -5.54 7.23
N THR A 47 4.19 -4.90 8.17
CA THR A 47 4.95 -5.61 9.16
C THR A 47 3.97 -6.03 10.25
N PRO A 48 3.81 -7.33 10.54
CA PRO A 48 2.62 -7.81 11.29
C PRO A 48 2.66 -7.59 12.79
N TYR A 49 2.47 -6.34 13.18
CA TYR A 49 2.15 -5.96 14.55
C TYR A 49 1.32 -4.69 14.47
N ASP A 50 0.58 -4.41 15.54
CA ASP A 50 -0.40 -3.32 15.55
C ASP A 50 -1.45 -3.51 14.45
N ALA A 51 -1.90 -4.75 14.27
CA ALA A 51 -3.22 -5.15 13.73
C ALA A 51 -3.46 -4.41 12.43
N THR A 52 -4.64 -3.84 12.23
CA THR A 52 -4.88 -2.93 11.13
C THR A 52 -5.21 -1.57 11.75
N HIS A 53 -4.20 -0.72 11.87
CA HIS A 53 -4.50 0.64 12.28
C HIS A 53 -4.96 1.46 11.07
N LEU A 54 -5.42 2.67 11.36
CA LEU A 54 -6.03 3.50 10.31
C LEU A 54 -5.00 3.98 9.30
N GLY A 55 -3.71 3.99 9.67
CA GLY A 55 -2.68 4.22 8.67
C GLY A 55 -2.62 3.09 7.66
N HIS A 56 -2.66 1.85 8.17
CA HIS A 56 -2.79 0.67 7.30
C HIS A 56 -4.02 0.80 6.42
N ALA A 57 -5.18 1.03 7.03
CA ALA A 57 -6.43 1.08 6.29
C ALA A 57 -6.37 2.14 5.21
N ALA A 58 -5.87 3.34 5.54
CA ALA A 58 -5.80 4.41 4.55
C ALA A 58 -4.95 4.00 3.36
N THR A 59 -3.84 3.30 3.61
CA THR A 59 -2.99 2.86 2.52
C THR A 59 -3.69 1.83 1.64
N TYR A 60 -4.20 0.74 2.24
CA TYR A 60 -4.73 -0.34 1.40
C TYR A 60 -6.09 -0.02 0.81
N LEU A 61 -6.85 0.90 1.42
CA LEU A 61 -8.09 1.35 0.78
C LEU A 61 -7.80 2.22 -0.44
N THR A 62 -6.75 3.04 -0.39
CA THR A 62 -6.38 3.84 -1.55
C THR A 62 -6.08 2.93 -2.74
N PHE A 63 -5.33 1.87 -2.52
CA PHE A 63 -5.03 0.96 -3.62
C PHE A 63 -6.23 0.08 -3.96
N ASP A 64 -7.17 -0.08 -3.04
CA ASP A 64 -8.41 -0.74 -3.41
C ASP A 64 -9.19 0.08 -4.44
N LEU A 65 -9.18 1.41 -4.32
CA LEU A 65 -9.84 2.25 -5.31
C LEU A 65 -9.22 2.08 -6.69
N VAL A 66 -7.89 2.02 -6.75
CA VAL A 66 -7.20 1.80 -8.01
C VAL A 66 -7.60 0.46 -8.60
N HIS A 67 -7.48 -0.60 -7.78
CA HIS A 67 -7.94 -1.93 -8.16
C HIS A 67 -9.34 -1.91 -8.73
N ARG A 68 -10.27 -1.28 -8.00
CA ARG A 68 -11.67 -1.26 -8.42
C ARG A 68 -11.87 -0.43 -9.68
N LEU A 69 -11.10 0.65 -9.82
CA LEU A 69 -11.25 1.49 -11.01
C LEU A 69 -10.68 0.79 -12.24
N TRP A 70 -9.60 0.04 -12.07
CA TRP A 70 -9.06 -0.76 -13.17
C TRP A 70 -10.07 -1.81 -13.61
N LEU A 71 -10.69 -2.52 -12.65
CA LEU A 71 -11.70 -3.51 -13.00
C LEU A 71 -12.88 -2.85 -13.71
N ASP A 72 -13.30 -1.68 -13.24
CA ASP A 72 -14.38 -0.95 -13.89
C ASP A 72 -14.04 -0.61 -15.34
N ALA A 73 -12.78 -0.39 -15.64
CA ALA A 73 -12.35 -0.06 -16.99
C ALA A 73 -12.18 -1.29 -17.88
N GLY A 74 -12.29 -2.49 -17.33
CA GLY A 74 -12.19 -3.71 -18.10
C GLY A 74 -10.85 -4.41 -18.02
N HIS A 75 -9.91 -3.90 -17.22
CA HIS A 75 -8.61 -4.53 -17.09
C HIS A 75 -8.70 -5.79 -16.24
N THR A 76 -7.85 -6.75 -16.55
CA THR A 76 -7.51 -7.78 -15.58
C THR A 76 -6.42 -7.21 -14.68
N VAL A 77 -6.47 -7.54 -13.39
CA VAL A 77 -5.50 -6.95 -12.44
C VAL A 77 -4.63 -8.02 -11.80
N GLN A 78 -3.33 -7.78 -11.66
CA GLN A 78 -2.43 -8.68 -10.90
C GLN A 78 -1.97 -7.86 -9.69
N TYR A 79 -2.55 -8.15 -8.53
CA TYR A 79 -2.21 -7.41 -7.29
C TYR A 79 -1.30 -8.31 -6.45
N VAL A 80 -0.08 -7.85 -6.21
CA VAL A 80 0.84 -8.57 -5.34
C VAL A 80 1.10 -7.74 -4.10
N GLN A 81 1.10 -8.40 -2.94
CA GLN A 81 1.37 -7.73 -1.68
C GLN A 81 2.16 -8.68 -0.79
N ASN A 82 3.09 -8.14 -0.04
CA ASN A 82 3.93 -8.94 0.84
C ASN A 82 3.47 -8.81 2.29
N VAL A 83 4.08 -9.64 3.15
CA VAL A 83 4.10 -9.43 4.59
C VAL A 83 5.55 -9.48 5.03
N THR A 84 6.00 -8.43 5.70
CA THR A 84 7.38 -8.40 6.22
C THR A 84 7.37 -9.12 7.56
N ASP A 85 7.34 -10.45 7.49
CA ASP A 85 7.13 -11.27 8.68
C ASP A 85 8.42 -11.56 9.43
N VAL A 86 9.56 -11.13 8.89
CA VAL A 86 10.82 -11.12 9.62
C VAL A 86 11.37 -9.71 9.47
N ASP A 87 11.62 -9.05 10.60
CA ASP A 87 11.84 -7.61 10.56
C ASP A 87 12.31 -7.15 11.93
N ASP A 88 13.24 -6.20 11.93
CA ASP A 88 13.80 -5.72 13.19
C ASP A 88 12.74 -5.06 14.07
N PRO A 89 11.85 -4.18 13.57
CA PRO A 89 10.77 -3.69 14.45
C PRO A 89 9.85 -4.78 14.94
N LEU A 90 9.64 -5.84 14.15
CA LEU A 90 8.84 -6.97 14.64
C LEU A 90 9.55 -7.68 15.79
N PHE A 91 10.85 -7.95 15.65
CA PHE A 91 11.60 -8.56 16.75
C PHE A 91 11.50 -7.71 18.01
N GLU A 92 11.64 -6.39 17.87
CA GLU A 92 11.60 -5.51 19.04
C GLU A 92 10.25 -5.58 19.73
N ARG A 93 9.16 -5.55 18.95
CA ARG A 93 7.82 -5.63 19.54
C ARG A 93 7.61 -6.96 20.24
N ALA A 94 7.98 -8.06 19.57
CA ALA A 94 7.84 -9.39 20.19
C ALA A 94 8.58 -9.47 21.52
N GLU A 95 9.81 -8.95 21.58
CA GLU A 95 10.54 -8.98 22.85
C GLU A 95 9.85 -8.12 23.89
N ARG A 96 9.35 -6.94 23.50
CA ARG A 96 8.64 -6.08 24.44
C ARG A 96 7.35 -6.73 24.91
N ASP A 97 6.66 -7.43 24.02
CA ASP A 97 5.39 -8.07 24.37
C ASP A 97 5.58 -9.39 25.11
N GLY A 98 6.80 -9.90 25.19
CA GLY A 98 7.02 -11.20 25.79
C GLY A 98 6.43 -12.34 24.99
N ILE A 99 6.40 -12.21 23.67
CA ILE A 99 5.79 -13.19 22.78
C ILE A 99 6.78 -13.56 21.68
N ASP A 100 6.65 -14.77 21.16
CA ASP A 100 7.43 -15.18 20.01
C ASP A 100 7.08 -14.36 18.78
N TRP A 101 8.10 -14.03 17.99
CA TRP A 101 7.91 -13.18 16.82
C TRP A 101 7.07 -13.85 15.74
N ARG A 102 7.07 -15.18 15.68
CA ARG A 102 6.20 -15.85 14.72
C ARG A 102 4.78 -16.02 15.27
N THR A 103 4.62 -16.22 16.57
CA THR A 103 3.27 -16.19 17.14
C THR A 103 2.65 -14.83 16.98
N LEU A 104 3.41 -13.77 17.26
CA LEU A 104 2.93 -12.41 17.04
C LEU A 104 2.59 -12.18 15.57
N GLY A 105 3.53 -12.47 14.68
CA GLY A 105 3.31 -12.20 13.27
C GLY A 105 2.12 -12.97 12.70
N ASP A 106 2.00 -14.25 13.06
CA ASP A 106 0.87 -15.05 12.58
C ASP A 106 -0.45 -14.48 13.09
N ARG A 107 -0.49 -14.10 14.36
CA ARG A 107 -1.72 -13.58 14.93
C ARG A 107 -2.13 -12.26 14.27
N GLU A 108 -1.17 -11.35 14.10
CA GLU A 108 -1.46 -10.05 13.51
C GLU A 108 -1.77 -10.12 12.02
N THR A 109 -1.11 -11.03 11.28
CA THR A 109 -1.50 -11.24 9.89
C THR A 109 -2.95 -11.71 9.80
N GLN A 110 -3.38 -12.57 10.74
CA GLN A 110 -4.77 -13.01 10.74
C GLN A 110 -5.73 -11.87 11.06
N LEU A 111 -5.36 -10.99 12.00
CA LEU A 111 -6.20 -9.83 12.27
C LEU A 111 -6.31 -8.93 11.05
N PHE A 112 -5.21 -8.83 10.29
CA PHE A 112 -5.23 -8.07 9.04
C PHE A 112 -6.21 -8.66 8.04
N ARG A 113 -6.16 -9.99 7.85
CA ARG A 113 -7.10 -10.65 6.94
C ARG A 113 -8.54 -10.32 7.32
N GLU A 114 -8.83 -10.35 8.63
CA GLU A 114 -10.20 -10.13 9.08
C GLU A 114 -10.62 -8.69 8.87
N ASP A 115 -9.73 -7.75 9.14
CA ASP A 115 -10.06 -6.34 8.92
C ASP A 115 -10.20 -6.04 7.44
N MET A 116 -9.38 -6.67 6.59
CA MET A 116 -9.46 -6.38 5.17
C MET A 116 -10.75 -6.92 4.59
N ALA A 117 -11.18 -8.10 5.04
CA ALA A 117 -12.46 -8.65 4.61
C ALA A 117 -13.62 -7.80 5.13
N ALA A 118 -13.55 -7.34 6.38
CA ALA A 118 -14.62 -6.51 6.92
C ALA A 118 -14.73 -5.19 6.17
N LEU A 119 -13.59 -4.64 5.73
CA LEU A 119 -13.59 -3.42 4.94
C LEU A 119 -13.91 -3.67 3.47
N ARG A 120 -14.07 -4.93 3.06
CA ARG A 120 -14.44 -5.28 1.69
C ARG A 120 -13.35 -4.88 0.70
N VAL A 121 -12.09 -4.99 1.13
CA VAL A 121 -10.94 -4.73 0.29
C VAL A 121 -10.70 -5.93 -0.62
N LEU A 122 -10.50 -5.68 -1.90
CA LEU A 122 -10.20 -6.75 -2.83
C LEU A 122 -8.83 -7.34 -2.50
N PRO A 123 -8.71 -8.66 -2.39
CA PRO A 123 -7.45 -9.25 -1.92
C PRO A 123 -6.41 -9.29 -3.03
N PRO A 124 -5.13 -9.36 -2.67
CA PRO A 124 -4.10 -9.59 -3.69
C PRO A 124 -4.21 -10.99 -4.27
N HIS A 125 -3.75 -11.12 -5.51
CA HIS A 125 -3.71 -12.43 -6.16
C HIS A 125 -2.52 -13.26 -5.69
N ASP A 126 -1.48 -12.62 -5.15
CA ASP A 126 -0.33 -13.33 -4.62
C ASP A 126 0.09 -12.61 -3.35
N TYR A 127 0.00 -13.30 -2.22
CA TYR A 127 0.27 -12.76 -0.89
C TYR A 127 1.49 -13.48 -0.36
N VAL A 128 2.62 -12.76 -0.24
CA VAL A 128 3.94 -13.38 -0.15
C VAL A 128 4.62 -12.95 1.13
N ALA A 129 4.88 -13.90 2.03
CA ALA A 129 5.65 -13.59 3.22
C ALA A 129 7.12 -13.45 2.86
N ALA A 130 7.81 -12.51 3.51
CA ALA A 130 9.23 -12.34 3.28
C ALA A 130 10.00 -13.64 3.50
N THR A 131 9.64 -14.42 4.54
CA THR A 131 10.39 -15.64 4.81
C THR A 131 10.21 -16.69 3.72
N ASP A 132 9.14 -16.62 2.95
CA ASP A 132 8.97 -17.51 1.80
C ASP A 132 9.63 -16.98 0.54
N ALA A 133 10.23 -15.81 0.59
CA ALA A 133 10.92 -15.24 -0.56
C ALA A 133 12.44 -15.23 -0.41
N ILE A 134 12.99 -16.03 0.52
CA ILE A 134 14.43 -16.05 0.72
C ILE A 134 15.15 -16.49 -0.55
N ALA A 135 14.68 -17.57 -1.17
CA ALA A 135 15.34 -18.09 -2.37
C ALA A 135 15.43 -17.04 -3.46
N GLU A 136 14.34 -16.29 -3.68
CA GLU A 136 14.37 -15.25 -4.70
C GLU A 136 15.30 -14.11 -4.31
N VAL A 137 15.33 -13.75 -3.03
CA VAL A 137 16.32 -12.78 -2.57
C VAL A 137 17.73 -13.29 -2.85
N VAL A 138 17.98 -14.56 -2.54
CA VAL A 138 19.32 -15.13 -2.74
C VAL A 138 19.69 -15.13 -4.21
N GLU A 139 18.76 -15.54 -5.07
CA GLU A 139 19.03 -15.57 -6.51
C GLU A 139 19.40 -14.18 -7.02
N MET A 140 18.78 -13.15 -6.47
CA MET A 140 18.99 -11.79 -6.98
C MET A 140 20.23 -11.14 -6.37
N VAL A 141 20.59 -11.49 -5.14
CA VAL A 141 21.85 -11.03 -4.58
C VAL A 141 23.03 -11.69 -5.30
N GLU A 142 22.86 -12.97 -5.68
CA GLU A 142 23.85 -13.63 -6.52
C GLU A 142 24.11 -12.84 -7.80
N LYS A 143 23.04 -12.38 -8.44
CA LYS A 143 23.20 -11.60 -9.67
C LYS A 143 23.88 -10.26 -9.39
N LEU A 144 23.52 -9.62 -8.26
CA LEU A 144 24.12 -8.33 -7.93
C LEU A 144 25.60 -8.46 -7.61
N LEU A 145 26.01 -9.57 -7.00
CA LEU A 145 27.42 -9.78 -6.72
C LEU A 145 28.20 -10.10 -7.99
N ALA A 146 27.58 -10.82 -8.93
CA ALA A 146 28.26 -11.18 -10.17
C ALA A 146 28.58 -9.96 -11.02
N SER A 147 27.78 -8.91 -10.93
CA SER A 147 27.99 -7.72 -11.73
C SER A 147 28.83 -6.66 -11.03
N GLY A 148 29.08 -6.81 -9.73
CA GLY A 148 29.77 -5.80 -8.97
C GLY A 148 28.87 -4.72 -8.39
N ALA A 149 27.55 -4.80 -8.60
CA ALA A 149 26.64 -3.89 -7.93
C ALA A 149 26.64 -4.13 -6.43
N ALA A 150 26.91 -5.36 -6.01
CA ALA A 150 27.00 -5.72 -4.60
C ALA A 150 28.40 -6.19 -4.27
N TYR A 151 28.76 -6.10 -2.99
CA TYR A 151 30.04 -6.56 -2.47
C TYR A 151 29.83 -7.15 -1.08
N ILE A 152 30.74 -8.03 -0.68
CA ILE A 152 30.81 -8.49 0.71
C ILE A 152 31.74 -7.55 1.47
N VAL A 153 31.26 -7.06 2.61
CA VAL A 153 32.09 -6.18 3.44
C VAL A 153 33.25 -6.98 4.04
N GLU A 154 34.39 -6.31 4.22
CA GLU A 154 35.60 -6.94 4.77
C GLU A 154 35.44 -7.05 6.28
N ASP A 155 34.67 -8.06 6.70
CA ASP A 155 34.42 -8.28 8.13
C ASP A 155 34.33 -9.81 8.31
N ALA A 156 35.40 -10.40 8.83
CA ALA A 156 35.47 -11.85 8.94
C ALA A 156 34.34 -12.40 9.81
N GLU A 157 34.08 -11.76 10.95
CA GLU A 157 33.01 -12.22 11.83
C GLU A 157 31.64 -12.04 11.18
N TYR A 158 31.40 -10.87 10.59
CA TYR A 158 30.07 -10.48 10.12
C TYR A 158 30.18 -10.03 8.67
N PRO A 159 30.30 -10.97 7.73
CA PRO A 159 30.49 -10.58 6.31
C PRO A 159 29.17 -10.22 5.63
N ASP A 160 28.63 -9.06 6.01
CA ASP A 160 27.40 -8.56 5.40
C ASP A 160 27.60 -8.26 3.92
N VAL A 161 26.52 -8.36 3.15
CA VAL A 161 26.53 -8.08 1.72
C VAL A 161 25.77 -6.77 1.49
N TYR A 162 26.40 -5.84 0.76
CA TYR A 162 25.86 -4.51 0.55
C TYR A 162 25.66 -4.23 -0.93
N PHE A 163 24.65 -3.42 -1.20
CA PHE A 163 24.36 -2.91 -2.54
C PHE A 163 24.97 -1.53 -2.68
N ARG A 164 25.75 -1.34 -3.74
CA ARG A 164 26.36 -0.04 -4.02
C ARG A 164 25.27 0.97 -4.38
N ALA A 165 25.23 2.09 -3.65
CA ALA A 165 24.27 3.12 -3.97
C ALA A 165 24.52 3.76 -5.34
N ASP A 166 25.71 3.62 -5.90
CA ASP A 166 25.97 4.10 -7.25
C ASP A 166 25.90 2.97 -8.29
N ALA A 167 25.32 1.82 -7.93
CA ALA A 167 25.16 0.75 -8.91
C ALA A 167 24.34 1.20 -10.11
N THR A 168 23.36 2.07 -9.90
CA THR A 168 22.59 2.65 -10.99
C THR A 168 22.89 4.14 -11.07
N ALA A 169 23.10 4.63 -12.29
CA ALA A 169 23.33 6.06 -12.47
C ALA A 169 22.11 6.88 -12.06
N GLN A 170 20.91 6.30 -12.14
CA GLN A 170 19.71 7.05 -11.84
C GLN A 170 19.27 6.92 -10.39
N PHE A 171 20.12 6.37 -9.52
CA PHE A 171 19.77 6.26 -8.11
C PHE A 171 19.41 7.63 -7.54
N GLY A 172 18.23 7.72 -6.92
CA GLY A 172 17.72 8.98 -6.41
C GLY A 172 16.60 9.58 -7.22
N TYR A 173 16.26 9.00 -8.38
CA TYR A 173 15.21 9.59 -9.21
C TYR A 173 13.83 9.48 -8.56
N GLU A 174 13.64 8.48 -7.69
CA GLU A 174 12.28 8.22 -7.24
C GLU A 174 11.90 9.15 -6.10
N SER A 175 12.84 9.45 -5.21
CA SER A 175 12.60 10.41 -4.13
C SER A 175 13.02 11.83 -4.48
N GLY A 176 14.02 11.98 -5.35
CA GLY A 176 14.57 13.30 -5.61
C GLY A 176 15.33 13.90 -4.45
N TYR A 177 15.62 13.12 -3.41
CA TYR A 177 16.32 13.65 -2.24
C TYR A 177 17.82 13.78 -2.51
N ASP A 178 18.44 14.80 -1.91
CA ASP A 178 19.87 14.95 -2.02
C ASP A 178 20.57 14.10 -0.94
N ARG A 179 21.90 14.13 -0.96
CA ARG A 179 22.65 13.23 -0.09
C ARG A 179 22.40 13.50 1.39
N ASP A 180 22.40 14.79 1.79
CA ASP A 180 22.23 15.10 3.21
C ASP A 180 20.87 14.63 3.71
N THR A 181 19.82 14.84 2.92
CA THR A 181 18.51 14.35 3.32
C THR A 181 18.49 12.83 3.38
N MET A 182 19.11 12.16 2.42
CA MET A 182 19.15 10.69 2.45
C MET A 182 19.84 10.19 3.71
N LEU A 183 21.00 10.77 4.06
CA LEU A 183 21.72 10.35 5.26
C LEU A 183 20.82 10.41 6.49
N THR A 184 20.11 11.53 6.67
CA THR A 184 19.23 11.66 7.83
C THR A 184 18.15 10.58 7.83
N LEU A 185 17.45 10.41 6.69
CA LEU A 185 16.35 9.46 6.63
C LEU A 185 16.87 8.02 6.63
N PHE A 186 18.01 7.77 6.00
CA PHE A 186 18.62 6.44 6.03
C PHE A 186 18.86 6.00 7.46
N ALA A 187 19.49 6.87 8.26
CA ALA A 187 19.77 6.54 9.65
C ALA A 187 18.50 6.31 10.44
N GLU A 188 17.50 7.17 10.26
CA GLU A 188 16.32 7.11 11.10
C GLU A 188 15.27 6.10 10.62
N ARG A 189 15.47 5.46 9.47
CA ARG A 189 14.51 4.51 8.93
C ARG A 189 15.14 3.14 8.65
N GLY A 190 16.11 2.71 9.47
CA GLY A 190 16.62 1.36 9.42
C GLY A 190 17.98 1.19 8.79
N GLY A 191 18.53 2.23 8.14
CA GLY A 191 19.84 2.12 7.54
C GLY A 191 20.95 2.20 8.56
N ASP A 192 22.16 1.89 8.09
CA ASP A 192 23.36 1.78 8.93
C ASP A 192 24.50 2.56 8.31
N PRO A 193 24.39 3.90 8.30
CA PRO A 193 25.37 4.70 7.55
C PRO A 193 26.76 4.67 8.12
N ASP A 194 26.92 4.30 9.39
CA ASP A 194 28.21 4.34 10.07
C ASP A 194 28.86 2.96 10.16
N ARG A 195 28.28 1.95 9.53
CA ARG A 195 28.84 0.60 9.59
C ARG A 195 30.24 0.60 8.96
N PRO A 196 31.26 0.12 9.67
CA PRO A 196 32.62 0.18 9.13
C PRO A 196 32.80 -0.74 7.93
N GLY A 197 33.57 -0.28 6.95
CA GLY A 197 33.91 -1.06 5.79
C GLY A 197 33.02 -0.84 4.57
N LYS A 198 31.94 -0.08 4.69
CA LYS A 198 31.12 0.21 3.52
C LYS A 198 31.81 1.19 2.61
N SER A 199 31.62 1.02 1.31
CA SER A 199 32.22 1.95 0.35
C SER A 199 31.56 3.31 0.44
N ASP A 200 30.23 3.35 0.43
CA ASP A 200 29.46 4.56 0.63
C ASP A 200 28.59 4.41 1.88
N GLN A 201 28.41 5.50 2.61
CA GLN A 201 27.50 5.50 3.75
C GLN A 201 26.10 5.07 3.35
N LEU A 202 25.71 5.34 2.11
CA LEU A 202 24.37 5.05 1.62
C LEU A 202 24.23 3.65 1.02
N ASP A 203 25.28 2.85 1.03
CA ASP A 203 25.17 1.47 0.58
C ASP A 203 24.19 0.71 1.47
N ALA A 204 23.34 -0.09 0.85
CA ALA A 204 22.20 -0.70 1.53
C ALA A 204 22.46 -2.18 1.79
N LEU A 205 22.12 -2.62 3.00
CA LEU A 205 22.24 -4.02 3.38
C LEU A 205 21.41 -4.89 2.46
N LEU A 206 22.05 -5.90 1.86
CA LEU A 206 21.36 -6.90 1.05
C LEU A 206 21.20 -8.23 1.77
N TRP A 207 22.22 -8.62 2.53
CA TRP A 207 22.23 -9.89 3.26
C TRP A 207 22.97 -9.65 4.57
N ARG A 208 22.27 -9.79 5.68
CA ARG A 208 22.85 -9.57 7.00
C ARG A 208 23.43 -10.88 7.52
N ALA A 209 24.74 -10.91 7.75
CA ALA A 209 25.41 -12.12 8.21
C ALA A 209 24.83 -12.59 9.53
N GLU A 210 24.91 -13.91 9.75
CA GLU A 210 24.39 -14.54 10.96
C GLU A 210 24.89 -13.84 12.22
N ARG A 211 23.97 -13.59 13.15
CA ARG A 211 24.27 -12.98 14.43
C ARG A 211 23.71 -13.87 15.53
N PRO A 212 24.34 -13.91 16.69
CA PRO A 212 23.78 -14.69 17.80
C PRO A 212 22.40 -14.17 18.19
N GLY A 213 21.48 -15.12 18.42
CA GLY A 213 20.14 -14.75 18.82
C GLY A 213 19.26 -14.21 17.72
N GLU A 214 19.61 -14.46 16.47
CA GLU A 214 18.86 -13.96 15.33
C GLU A 214 18.56 -15.12 14.38
N PRO A 215 17.37 -15.16 13.79
CA PRO A 215 17.09 -16.21 12.79
C PRO A 215 17.98 -16.04 11.57
N SER A 216 18.35 -17.17 10.97
CA SER A 216 19.23 -17.18 9.81
C SER A 216 18.80 -18.26 8.83
N TRP A 217 19.23 -18.11 7.59
CA TRP A 217 18.93 -19.00 6.48
C TRP A 217 20.21 -19.22 5.68
N PRO A 218 20.36 -20.38 5.05
CA PRO A 218 21.59 -20.66 4.30
C PRO A 218 21.62 -19.90 2.99
N SER A 219 22.82 -19.72 2.46
CA SER A 219 23.01 -18.97 1.23
C SER A 219 24.45 -19.18 0.74
N PRO A 220 24.71 -18.95 -0.56
CA PRO A 220 26.09 -19.04 -1.06
C PRO A 220 27.01 -17.94 -0.52
N PHE A 221 26.47 -16.90 0.11
CA PHE A 221 27.29 -15.88 0.74
C PHE A 221 27.33 -16.03 2.25
N GLY A 222 27.00 -17.21 2.76
CA GLY A 222 27.02 -17.46 4.19
C GLY A 222 25.65 -17.35 4.81
N ARG A 223 25.54 -17.90 6.02
CA ARG A 223 24.26 -17.91 6.72
C ARG A 223 23.89 -16.48 7.14
N GLY A 224 22.60 -16.15 7.01
CA GLY A 224 22.12 -14.84 7.36
C GLY A 224 20.66 -14.60 7.05
N ARG A 225 20.26 -13.35 6.82
CA ARG A 225 18.88 -13.04 6.51
C ARG A 225 18.83 -11.84 5.59
N PRO A 226 17.74 -11.68 4.83
CA PRO A 226 17.70 -10.62 3.82
C PRO A 226 17.66 -9.21 4.41
N GLY A 227 18.18 -8.26 3.64
CA GLY A 227 17.87 -6.88 3.89
C GLY A 227 16.43 -6.56 3.49
N TRP A 228 15.91 -5.46 4.03
CA TRP A 228 14.49 -5.19 3.87
C TRP A 228 14.14 -4.84 2.42
N HIS A 229 14.91 -3.95 1.79
CA HIS A 229 14.49 -3.46 0.47
C HIS A 229 14.56 -4.55 -0.59
N VAL A 230 15.55 -5.45 -0.51
CA VAL A 230 15.66 -6.48 -1.54
C VAL A 230 14.56 -7.53 -1.40
N GLU A 231 13.94 -7.65 -0.23
CA GLU A 231 12.77 -8.52 -0.10
C GLU A 231 11.69 -8.12 -1.08
N CYS A 232 11.26 -6.86 -1.02
CA CYS A 232 10.16 -6.41 -1.86
C CYS A 232 10.59 -6.26 -3.32
N SER A 233 11.85 -5.92 -3.56
CA SER A 233 12.37 -5.89 -4.92
C SER A 233 12.25 -7.27 -5.56
N ALA A 234 12.68 -8.31 -4.84
CA ALA A 234 12.69 -9.66 -5.41
C ALA A 234 11.28 -10.19 -5.59
N ILE A 235 10.40 -9.97 -4.62
CA ILE A 235 9.01 -10.42 -4.76
C ILE A 235 8.36 -9.75 -5.95
N ALA A 236 8.47 -8.42 -6.04
CA ALA A 236 7.83 -7.70 -7.15
C ALA A 236 8.39 -8.16 -8.48
N LEU A 237 9.73 -8.26 -8.59
CA LEU A 237 10.36 -8.63 -9.85
C LEU A 237 9.98 -10.04 -10.28
N THR A 238 10.01 -11.00 -9.34
CA THR A 238 9.75 -12.38 -9.74
C THR A 238 8.28 -12.65 -10.02
N ARG A 239 7.37 -11.92 -9.39
CA ARG A 239 5.94 -12.14 -9.56
C ARG A 239 5.37 -11.39 -10.76
N ILE A 240 5.77 -10.14 -10.96
CA ILE A 240 5.20 -9.28 -11.97
C ILE A 240 6.12 -9.10 -13.17
N GLY A 241 7.42 -8.99 -12.93
CA GLY A 241 8.35 -8.72 -14.02
C GLY A 241 8.66 -7.23 -14.12
N THR A 242 9.14 -6.84 -15.31
CA THR A 242 9.54 -5.45 -15.51
C THR A 242 8.37 -4.54 -15.84
N GLY A 243 7.23 -5.09 -16.28
CA GLY A 243 6.08 -4.27 -16.61
C GLY A 243 5.23 -3.89 -15.41
N LEU A 244 5.87 -3.46 -14.33
CA LEU A 244 5.15 -3.01 -13.13
C LEU A 244 4.51 -1.65 -13.36
N ASP A 245 3.17 -1.60 -13.32
CA ASP A 245 2.50 -0.31 -13.49
C ASP A 245 2.58 0.55 -12.23
N ILE A 246 2.40 -0.05 -11.06
CA ILE A 246 2.32 0.71 -9.82
C ILE A 246 3.14 0.02 -8.73
N GLN A 247 4.03 0.77 -8.11
CA GLN A 247 4.65 0.42 -6.84
C GLN A 247 4.05 1.33 -5.78
N GLY A 248 3.46 0.75 -4.73
CA GLY A 248 2.73 1.51 -3.76
C GLY A 248 3.12 1.16 -2.32
N GLY A 249 2.73 2.04 -1.41
CA GLY A 249 2.93 1.79 0.00
C GLY A 249 2.76 3.06 0.82
N GLY A 250 3.11 2.94 2.09
CA GLY A 250 2.98 4.06 3.01
C GLY A 250 3.95 5.19 2.72
N SER A 251 3.63 6.35 3.29
CA SER A 251 4.33 7.60 2.93
C SER A 251 5.83 7.51 3.20
N ASP A 252 6.23 6.90 4.32
CA ASP A 252 7.64 6.86 4.66
C ASP A 252 8.46 5.96 3.74
N LEU A 253 7.84 5.20 2.85
CA LEU A 253 8.58 4.29 1.99
C LEU A 253 9.23 4.98 0.79
N ILE A 254 8.95 6.28 0.57
CA ILE A 254 9.55 6.97 -0.57
C ILE A 254 11.08 6.88 -0.51
N PHE A 255 11.64 7.00 0.70
CA PHE A 255 13.05 6.79 0.93
C PHE A 255 13.25 6.35 2.37
N PRO A 256 14.07 5.34 2.63
CA PRO A 256 14.91 4.62 1.67
C PRO A 256 14.22 3.55 0.83
N HIS A 257 13.08 3.05 1.30
CA HIS A 257 12.64 1.72 0.88
C HIS A 257 12.44 1.63 -0.63
N HIS A 258 11.55 2.46 -1.20
CA HIS A 258 11.28 2.28 -2.63
C HIS A 258 12.46 2.73 -3.50
N GLU A 259 13.27 3.65 -3.02
CA GLU A 259 14.45 4.06 -3.80
C GLU A 259 15.39 2.87 -4.02
N TYR A 260 15.69 2.13 -2.95
CA TYR A 260 16.60 0.99 -3.09
C TYR A 260 15.94 -0.19 -3.78
N SER A 261 14.67 -0.48 -3.47
CA SER A 261 14.03 -1.62 -4.13
C SER A 261 13.96 -1.41 -5.63
N ALA A 262 13.69 -0.18 -6.07
CA ALA A 262 13.77 0.12 -7.50
C ALA A 262 15.20 -0.05 -8.02
N ALA A 263 16.17 0.49 -7.29
CA ALA A 263 17.57 0.42 -7.75
C ALA A 263 18.07 -1.01 -7.83
N HIS A 264 17.70 -1.86 -6.85
CA HIS A 264 18.09 -3.26 -6.91
C HIS A 264 17.57 -3.92 -8.18
N ALA A 265 16.29 -3.69 -8.50
CA ALA A 265 15.65 -4.34 -9.64
C ALA A 265 16.14 -3.77 -10.97
N GLU A 266 16.33 -2.45 -11.04
CA GLU A 266 16.87 -1.87 -12.26
C GLU A 266 18.30 -2.34 -12.51
N SER A 267 19.07 -2.54 -11.45
CA SER A 267 20.44 -3.01 -11.64
C SER A 267 20.47 -4.43 -12.18
N VAL A 268 19.66 -5.34 -11.64
CA VAL A 268 19.70 -6.72 -12.12
C VAL A 268 19.09 -6.87 -13.51
N THR A 269 18.10 -6.03 -13.86
CA THR A 269 17.41 -6.18 -15.14
C THR A 269 18.01 -5.33 -16.25
N GLY A 270 18.79 -4.30 -15.91
CA GLY A 270 19.23 -3.35 -16.90
C GLY A 270 18.17 -2.37 -17.35
N GLU A 271 16.96 -2.45 -16.82
CA GLU A 271 15.90 -1.51 -17.17
C GLU A 271 16.09 -0.18 -16.45
N ARG A 272 15.59 0.88 -17.09
CA ARG A 272 15.76 2.21 -16.54
C ARG A 272 14.82 2.51 -15.39
N ARG A 273 13.60 1.95 -15.42
CA ARG A 273 12.58 2.28 -14.44
C ARG A 273 11.87 1.01 -13.99
N PHE A 274 11.95 0.73 -12.69
CA PHE A 274 11.28 -0.44 -12.12
C PHE A 274 9.77 -0.36 -12.30
N ALA A 275 9.15 0.71 -11.80
CA ALA A 275 7.70 0.87 -11.86
C ALA A 275 7.36 2.18 -12.56
N ARG A 276 6.22 2.18 -13.28
CA ARG A 276 5.83 3.39 -14.01
C ARG A 276 5.29 4.45 -13.08
N HIS A 277 4.63 4.07 -11.99
CA HIS A 277 4.10 5.00 -11.00
C HIS A 277 4.57 4.55 -9.63
N TYR A 278 4.96 5.52 -8.80
CA TYR A 278 5.23 5.28 -7.37
C TYR A 278 4.18 6.05 -6.59
N VAL A 279 3.41 5.34 -5.76
CA VAL A 279 2.21 5.89 -5.14
C VAL A 279 2.33 5.72 -3.62
N HIS A 280 2.28 6.84 -2.91
CA HIS A 280 2.47 6.84 -1.46
C HIS A 280 1.28 7.48 -0.77
N THR A 281 0.88 6.89 0.35
CA THR A 281 -0.22 7.44 1.15
C THR A 281 -0.18 6.76 2.51
N GLY A 282 -1.03 7.25 3.40
CA GLY A 282 -1.07 6.76 4.76
C GLY A 282 -1.88 7.71 5.60
N MET A 283 -1.75 7.58 6.92
CA MET A 283 -2.44 8.50 7.80
C MET A 283 -1.73 8.55 9.13
N ILE A 284 -1.58 9.75 9.66
CA ILE A 284 -0.96 9.96 10.96
C ILE A 284 -2.02 9.84 12.05
N GLY A 285 -1.57 9.56 13.27
CA GLY A 285 -2.44 9.56 14.42
C GLY A 285 -2.67 10.96 14.93
N TRP A 286 -3.36 11.04 16.07
CA TRP A 286 -3.78 12.33 16.60
C TRP A 286 -2.61 13.27 16.87
N ASP A 287 -1.41 12.72 17.12
CA ASP A 287 -0.27 13.51 17.52
C ASP A 287 0.62 13.90 16.35
N GLY A 288 0.19 13.63 15.12
CA GLY A 288 1.00 13.91 13.95
C GLY A 288 2.04 12.85 13.64
N HIS A 289 2.10 11.76 14.40
CA HIS A 289 3.06 10.69 14.15
C HIS A 289 2.34 9.48 13.58
N LYS A 290 3.10 8.59 12.96
CA LYS A 290 2.55 7.32 12.53
C LYS A 290 2.00 6.56 13.75
N MET A 291 0.95 5.80 13.52
CA MET A 291 0.22 5.16 14.61
C MET A 291 1.05 4.01 15.16
N SER A 292 1.17 3.96 16.48
CA SER A 292 1.93 2.87 17.11
C SER A 292 1.45 2.69 18.54
N LYS A 293 1.37 1.43 18.96
CA LYS A 293 0.96 1.14 20.34
C LYS A 293 1.83 1.85 21.36
N SER A 294 3.13 1.99 21.09
CA SER A 294 3.96 2.60 22.13
C SER A 294 3.79 4.11 22.19
N ARG A 295 3.15 4.74 21.20
CA ARG A 295 2.85 6.17 21.24
C ARG A 295 1.49 6.48 21.86
N GLY A 296 0.64 5.49 22.09
CA GLY A 296 -0.72 5.77 22.55
C GLY A 296 -1.52 6.61 21.59
N ASN A 297 -1.28 6.45 20.29
CA ASN A 297 -2.04 7.12 19.24
C ASN A 297 -2.66 6.12 18.28
N LEU A 298 -2.75 4.86 18.71
CA LEU A 298 -3.11 3.75 17.84
C LEU A 298 -4.62 3.56 17.82
N VAL A 299 -5.23 3.72 16.66
CA VAL A 299 -6.65 3.45 16.44
C VAL A 299 -6.76 2.27 15.48
N LEU A 300 -7.36 1.19 15.96
CA LEU A 300 -7.47 -0.06 15.20
C LEU A 300 -8.85 -0.17 14.57
N VAL A 301 -8.89 -0.75 13.35
CA VAL A 301 -10.18 -1.02 12.71
C VAL A 301 -11.05 -1.90 13.62
N SER A 302 -10.46 -2.91 14.24
CA SER A 302 -11.25 -3.81 15.11
C SER A 302 -11.82 -3.07 16.33
N GLN A 303 -11.11 -2.06 16.82
CA GLN A 303 -11.65 -1.17 17.84
C GLN A 303 -12.91 -0.47 17.36
N LEU A 304 -12.84 0.17 16.20
CA LEU A 304 -14.01 0.84 15.65
C LEU A 304 -15.17 -0.14 15.47
N ARG A 305 -14.88 -1.33 14.94
CA ARG A 305 -15.94 -2.30 14.70
C ARG A 305 -16.56 -2.77 16.02
N ALA A 306 -15.73 -2.95 17.06
CA ALA A 306 -16.25 -3.29 18.38
C ALA A 306 -17.13 -2.18 18.93
N GLN A 307 -16.83 -0.92 18.59
CA GLN A 307 -17.68 0.19 19.03
C GLN A 307 -18.94 0.35 18.18
N GLY A 308 -19.22 -0.59 17.28
CA GLY A 308 -20.40 -0.50 16.45
C GLY A 308 -20.26 0.36 15.20
N VAL A 309 -19.03 0.66 14.78
CA VAL A 309 -18.85 1.47 13.59
C VAL A 309 -18.96 0.59 12.36
N ASP A 310 -19.83 0.99 11.43
CA ASP A 310 -19.93 0.32 10.14
C ASP A 310 -18.62 0.42 9.37
N PRO A 311 -18.10 -0.69 8.83
CA PRO A 311 -16.88 -0.61 8.03
C PRO A 311 -17.01 0.34 6.85
N SER A 312 -18.22 0.48 6.28
CA SER A 312 -18.42 1.44 5.21
C SER A 312 -18.26 2.88 5.71
N ALA A 313 -18.55 3.13 6.99
CA ALA A 313 -18.29 4.46 7.53
C ALA A 313 -16.79 4.71 7.70
N ILE A 314 -16.01 3.66 7.98
CA ILE A 314 -14.55 3.82 8.01
C ILE A 314 -14.03 4.21 6.63
N ARG A 315 -14.49 3.50 5.59
CA ARG A 315 -14.09 3.87 4.23
C ARG A 315 -14.49 5.30 3.90
N LEU A 316 -15.73 5.67 4.19
CA LEU A 316 -16.18 7.03 3.87
C LEU A 316 -15.41 8.07 4.68
N GLY A 317 -15.11 7.78 5.94
CA GLY A 317 -14.33 8.72 6.73
C GLY A 317 -12.94 8.91 6.18
N LEU A 318 -12.28 7.80 5.81
CA LEU A 318 -10.98 7.91 5.18
C LEU A 318 -11.06 8.57 3.82
N PHE A 319 -12.17 8.39 3.09
CA PHE A 319 -12.29 8.98 1.77
C PHE A 319 -12.70 10.44 1.80
N SER A 320 -13.06 10.98 2.97
CA SER A 320 -13.42 12.39 3.07
C SER A 320 -12.23 13.31 2.77
N GLY A 321 -11.02 12.76 2.79
CA GLY A 321 -9.84 13.53 2.44
C GLY A 321 -9.13 12.88 1.26
N HIS A 322 -8.42 13.70 0.49
CA HIS A 322 -7.61 13.20 -0.61
C HIS A 322 -6.36 12.50 -0.06
N TYR A 323 -5.92 11.45 -0.77
CA TYR A 323 -4.85 10.60 -0.24
C TYR A 323 -3.51 11.31 -0.19
N ARG A 324 -3.33 12.41 -0.94
CA ARG A 324 -2.10 13.17 -0.89
C ARG A 324 -2.20 14.39 0.01
N GLU A 325 -3.31 14.57 0.70
CA GLU A 325 -3.46 15.56 1.74
C GLU A 325 -3.13 14.91 3.09
N ASP A 326 -2.92 15.74 4.11
CA ASP A 326 -2.65 15.23 5.46
C ASP A 326 -3.98 14.84 6.10
N ARG A 327 -4.32 13.56 6.00
CA ARG A 327 -5.56 13.06 6.58
C ARG A 327 -5.40 12.84 8.08
N PHE A 328 -6.49 13.04 8.81
CA PHE A 328 -6.48 12.85 10.25
C PHE A 328 -7.85 12.38 10.69
N TRP A 329 -7.88 11.35 11.53
CA TRP A 329 -9.11 10.80 12.05
C TRP A 329 -9.51 11.55 13.33
N SER A 330 -10.82 11.63 13.58
CA SER A 330 -11.34 12.33 14.74
C SER A 330 -12.81 11.93 14.91
N ASN A 331 -13.38 12.32 16.06
CA ASN A 331 -14.82 12.11 16.26
C ASN A 331 -15.63 12.87 15.23
N GLU A 332 -15.22 14.10 14.91
CA GLU A 332 -15.91 14.84 13.86
C GLU A 332 -15.88 14.09 12.54
N VAL A 333 -14.74 13.52 12.18
CA VAL A 333 -14.64 12.78 10.92
C VAL A 333 -15.54 11.55 10.94
N LEU A 334 -15.55 10.82 12.07
CA LEU A 334 -16.43 9.66 12.20
C LEU A 334 -17.90 10.08 12.13
N ASP A 335 -18.23 11.24 12.70
CA ASP A 335 -19.63 11.66 12.74
C ASP A 335 -20.11 12.04 11.34
N GLU A 336 -19.30 12.78 10.57
CA GLU A 336 -19.69 13.10 9.20
C GLU A 336 -19.79 11.86 8.34
N ALA A 337 -18.90 10.88 8.56
CA ALA A 337 -18.97 9.64 7.80
C ALA A 337 -20.24 8.86 8.14
N ASN A 338 -20.59 8.78 9.43
CA ASN A 338 -21.84 8.15 9.82
C ASN A 338 -23.04 8.87 9.23
N ALA A 339 -23.03 10.20 9.26
CA ALA A 339 -24.15 10.96 8.70
C ALA A 339 -24.22 10.81 7.19
N ARG A 340 -23.06 10.80 6.54
CA ARG A 340 -23.02 10.60 5.08
C ARG A 340 -23.54 9.21 4.71
N LEU A 341 -23.09 8.18 5.43
CA LEU A 341 -23.57 6.82 5.18
C LEU A 341 -25.08 6.72 5.34
N ALA A 342 -25.64 7.33 6.39
CA ALA A 342 -27.08 7.26 6.59
C ALA A 342 -27.82 8.02 5.50
N ARG A 343 -27.29 9.18 5.11
CA ARG A 343 -27.90 9.97 4.05
C ARG A 343 -27.92 9.20 2.73
N TRP A 344 -26.78 8.61 2.36
CA TRP A 344 -26.71 7.83 1.13
C TRP A 344 -27.63 6.62 1.18
N ARG A 345 -27.71 5.95 2.33
CA ARG A 345 -28.62 4.80 2.45
C ARG A 345 -30.07 5.24 2.31
N SER A 346 -30.41 6.44 2.80
CA SER A 346 -31.76 6.96 2.66
C SER A 346 -32.14 7.14 1.20
N ALA A 347 -31.27 7.79 0.42
CA ALA A 347 -31.58 8.07 -0.97
C ALA A 347 -31.64 6.79 -1.80
N THR A 348 -30.73 5.85 -1.54
CA THR A 348 -30.75 4.61 -2.30
C THR A 348 -31.81 3.63 -1.84
N ALA A 349 -32.56 3.98 -0.79
CA ALA A 349 -33.74 3.23 -0.36
C ALA A 349 -35.03 3.85 -0.87
N LEU A 350 -34.96 4.95 -1.60
CA LEU A 350 -36.15 5.59 -2.14
C LEU A 350 -36.81 4.70 -3.17
N PRO A 351 -38.14 4.82 -3.35
CA PRO A 351 -38.81 4.02 -4.39
C PRO A 351 -38.43 4.44 -5.79
N GLU A 352 -38.00 5.68 -5.96
CA GLU A 352 -37.68 6.23 -7.26
C GLU A 352 -36.87 7.49 -7.01
N ALA A 353 -36.06 7.87 -7.99
CA ALA A 353 -35.11 8.95 -7.81
C ALA A 353 -34.81 9.56 -9.16
N PRO A 354 -34.16 10.72 -9.19
CA PRO A 354 -33.77 11.30 -10.48
C PRO A 354 -32.76 10.41 -11.20
N ASP A 355 -32.67 10.61 -12.51
CA ASP A 355 -31.69 9.93 -13.33
C ASP A 355 -30.31 10.02 -12.69
N ALA A 356 -29.59 8.89 -12.70
CA ALA A 356 -28.27 8.80 -12.08
C ALA A 356 -27.13 8.86 -13.08
N THR A 357 -27.43 9.07 -14.36
CA THR A 357 -26.40 9.01 -15.39
C THR A 357 -25.29 10.02 -15.12
N ASP A 358 -25.66 11.27 -14.85
CA ASP A 358 -24.67 12.33 -14.66
C ASP A 358 -23.79 12.07 -13.43
N VAL A 359 -24.40 11.71 -12.31
CA VAL A 359 -23.62 11.56 -11.08
C VAL A 359 -22.66 10.38 -11.20
N ILE A 360 -23.08 9.30 -11.85
CA ILE A 360 -22.18 8.18 -12.05
C ILE A 360 -21.01 8.58 -12.95
N ALA A 361 -21.29 9.33 -14.03
CA ALA A 361 -20.22 9.81 -14.88
C ALA A 361 -19.30 10.75 -14.11
N ARG A 362 -19.86 11.60 -13.25
CA ARG A 362 -19.05 12.53 -12.47
C ARG A 362 -18.20 11.79 -11.45
N VAL A 363 -18.76 10.76 -10.81
CA VAL A 363 -17.97 9.98 -9.87
C VAL A 363 -16.80 9.32 -10.59
N ARG A 364 -17.05 8.79 -11.78
CA ARG A 364 -15.98 8.16 -12.55
C ARG A 364 -14.90 9.18 -12.95
N GLN A 365 -15.32 10.39 -13.34
CA GLN A 365 -14.35 11.43 -13.70
C GLN A 365 -13.50 11.81 -12.50
N TYR A 366 -14.13 12.03 -11.34
CA TYR A 366 -13.40 12.47 -10.17
C TYR A 366 -12.42 11.41 -9.69
N LEU A 367 -12.84 10.15 -9.66
CA LEU A 367 -11.95 9.07 -9.25
C LEU A 367 -10.79 8.92 -10.23
N ALA A 368 -11.06 9.12 -11.53
CA ALA A 368 -10.00 9.04 -12.52
C ALA A 368 -9.00 10.18 -12.40
N ASP A 369 -9.38 11.28 -11.75
CA ASP A 369 -8.51 12.45 -11.62
C ASP A 369 -7.73 12.38 -10.30
N ASP A 370 -6.75 11.48 -10.30
CA ASP A 370 -5.91 11.25 -9.11
C ASP A 370 -6.74 10.94 -7.87
N LEU A 371 -7.73 10.08 -8.04
CA LEU A 371 -8.55 9.55 -6.93
C LEU A 371 -9.13 10.67 -6.08
N ASP A 372 -9.87 11.56 -6.75
CA ASP A 372 -10.49 12.70 -6.07
C ASP A 372 -11.78 12.25 -5.36
N THR A 373 -11.60 11.51 -4.28
CA THR A 373 -12.73 11.02 -3.49
C THR A 373 -13.52 12.14 -2.81
N PRO A 374 -12.91 13.24 -2.34
CA PRO A 374 -13.73 14.33 -1.78
C PRO A 374 -14.76 14.86 -2.74
N LYS A 375 -14.39 15.07 -4.00
CA LYS A 375 -15.33 15.56 -5.00
C LYS A 375 -16.30 14.48 -5.43
N ALA A 376 -15.86 13.22 -5.50
CA ALA A 376 -16.80 12.14 -5.80
C ALA A 376 -17.83 11.99 -4.69
N LEU A 377 -17.39 12.11 -3.43
CA LEU A 377 -18.33 12.07 -2.31
C LEU A 377 -19.30 13.24 -2.37
N ALA A 378 -18.80 14.43 -2.75
CA ALA A 378 -19.64 15.61 -2.82
C ALA A 378 -20.67 15.49 -3.94
N ALA A 379 -20.28 14.89 -5.07
CA ALA A 379 -21.25 14.67 -6.14
C ALA A 379 -22.35 13.72 -5.69
N LEU A 380 -21.99 12.67 -4.96
CA LEU A 380 -23.00 11.75 -4.44
C LEU A 380 -23.89 12.43 -3.41
N ASP A 381 -23.29 13.22 -2.50
CA ASP A 381 -24.08 14.06 -1.60
C ASP A 381 -25.12 14.88 -2.35
N GLY A 382 -24.73 15.48 -3.48
CA GLY A 382 -25.64 16.34 -4.21
C GLY A 382 -26.78 15.58 -4.86
N TRP A 383 -26.48 14.42 -5.45
CA TRP A 383 -27.54 13.59 -6.01
C TRP A 383 -28.48 13.13 -4.92
N CYS A 384 -27.92 12.79 -3.75
CA CYS A 384 -28.73 12.28 -2.65
C CYS A 384 -29.65 13.37 -2.11
N THR A 385 -29.13 14.59 -1.98
CA THR A 385 -29.92 15.70 -1.48
C THR A 385 -31.04 16.06 -2.47
N ASP A 386 -30.75 16.00 -3.77
CA ASP A 386 -31.79 16.28 -4.76
C ASP A 386 -32.87 15.22 -4.73
N ALA A 387 -32.48 13.95 -4.61
CA ALA A 387 -33.47 12.87 -4.55
C ALA A 387 -34.36 13.01 -3.31
N LEU A 388 -33.77 13.31 -2.16
CA LEU A 388 -34.53 13.38 -0.92
C LEU A 388 -35.36 14.64 -0.81
N SER A 389 -34.89 15.76 -1.38
CA SER A 389 -35.62 17.01 -1.26
C SER A 389 -36.74 17.10 -2.29
N TYR A 390 -36.46 16.70 -3.53
CA TYR A 390 -37.35 16.94 -4.66
C TYR A 390 -37.85 15.68 -5.35
N GLY A 391 -37.17 14.55 -5.18
CA GLY A 391 -37.66 13.30 -5.73
C GLY A 391 -37.37 13.18 -7.22
N GLY A 392 -37.78 12.03 -7.75
CA GLY A 392 -37.62 11.73 -9.16
C GLY A 392 -38.42 10.49 -9.47
N HIS A 393 -38.35 10.05 -10.73
CA HIS A 393 -39.28 9.03 -11.19
C HIS A 393 -38.59 7.84 -11.86
N ASP A 394 -37.29 7.65 -11.66
CA ASP A 394 -36.60 6.45 -12.11
C ASP A 394 -36.62 5.43 -10.98
N THR A 395 -37.25 4.28 -11.20
CA THR A 395 -37.29 3.24 -10.18
C THR A 395 -35.97 2.47 -10.06
N GLU A 396 -35.07 2.61 -11.04
CA GLU A 396 -33.80 1.90 -11.04
C GLU A 396 -32.64 2.70 -10.48
N SER A 397 -32.73 4.04 -10.45
CA SER A 397 -31.53 4.81 -10.10
C SER A 397 -31.11 4.63 -8.64
N PRO A 398 -32.04 4.45 -7.68
CA PRO A 398 -31.58 4.16 -6.31
C PRO A 398 -30.69 2.94 -6.23
N ARG A 399 -31.10 1.82 -6.82
CA ARG A 399 -30.25 0.63 -6.84
C ARG A 399 -29.00 0.86 -7.68
N LEU A 400 -29.13 1.57 -8.80
CA LEU A 400 -27.96 1.79 -9.66
C LEU A 400 -26.90 2.62 -8.95
N VAL A 401 -27.31 3.62 -8.17
CA VAL A 401 -26.34 4.39 -7.41
C VAL A 401 -25.70 3.52 -6.33
N ALA A 402 -26.50 2.68 -5.67
CA ALA A 402 -25.96 1.79 -4.64
C ALA A 402 -24.93 0.81 -5.22
N THR A 403 -25.21 0.26 -6.41
CA THR A 403 -24.27 -0.68 -7.01
C THR A 403 -22.98 0.01 -7.47
N THR A 404 -23.08 1.25 -7.94
CA THR A 404 -21.89 1.98 -8.34
C THR A 404 -21.01 2.32 -7.14
N VAL A 405 -21.63 2.80 -6.06
CA VAL A 405 -20.91 3.08 -4.83
C VAL A 405 -20.26 1.80 -4.30
N ASP A 406 -20.94 0.66 -4.47
CA ASP A 406 -20.34 -0.62 -4.12
C ASP A 406 -19.15 -0.94 -5.02
N ALA A 407 -19.34 -0.90 -6.34
CA ALA A 407 -18.28 -1.35 -7.25
C ALA A 407 -17.07 -0.44 -7.21
N LEU A 408 -17.28 0.87 -7.11
CA LEU A 408 -16.18 1.83 -7.26
C LEU A 408 -15.60 2.30 -5.94
N LEU A 409 -16.41 2.41 -4.90
CA LEU A 409 -15.92 2.85 -3.59
C LEU A 409 -15.84 1.74 -2.55
N GLY A 410 -16.37 0.55 -2.84
CA GLY A 410 -16.40 -0.51 -1.86
C GLY A 410 -17.33 -0.27 -0.70
N VAL A 411 -18.21 0.72 -0.80
CA VAL A 411 -19.13 1.09 0.28
C VAL A 411 -20.43 0.33 0.07
N ASP A 412 -20.90 -0.34 1.13
CA ASP A 412 -22.07 -1.22 1.05
C ASP A 412 -23.26 -0.51 1.66
N LEU A 413 -24.15 -0.01 0.79
CA LEU A 413 -25.33 0.74 1.22
C LEU A 413 -26.51 -0.20 1.45
#